data_5EG3
#
_entry.id   5EG3
#
_cell.length_a   79.609
_cell.length_b   53.231
_cell.length_c   127.660
_cell.angle_alpha   90.00
_cell.angle_beta   100.11
_cell.angle_gamma   90.00
#
_symmetry.space_group_name_H-M   'C 1 2 1'
#
loop_
_entity.id
_entity.type
_entity.pdbx_description
1 polymer 'Fibroblast growth factor receptor 2'
2 polymer '1-phosphatidylinositol 4,5-bisphosphate phosphodiesterase gamma-1'
3 non-polymer 'PHOSPHOMETHYLPHOSPHONIC ACID ADENYLATE ESTER'
4 non-polymer 'MAGNESIUM ION'
5 water water
#
loop_
_entity_poly.entity_id
_entity_poly.type
_entity_poly.pdbx_seq_one_letter_code
_entity_poly.pdbx_strand_id
1 'polypeptide(L)'
;MGSSHHHHHHSQDPMLAGVSEFELPEDPKWEFPRDKLTLGKPLGEGAFGQVVMAEAVGIDKDKPKEAVTVAVKMLKDDAT
EKDLSDLVSEMEMMKMIGKHKNIINLLGACTQDGPLYVIVAYASKGNLREYLRARRPPGMELSPDINRVPEEQMTFKDLV
SCTYQLARGMEYLASQKCIHRDLAARNVLVTENNVMKIADFGLARDINNIDFFKETTNGRLPVKWMAPEALFDRVYTHQS
DVWSFGVLMWEIFTLGGSPYPGIPVEELFKLLKEGHRMDKPANCTNELYMMMRDCWHAVPSQRPTFKQLVEDLDRILTLT
TNEE(PTR)LDLSQPLEQ
;
A
2 'polypeptide(L)'
;MNAHESKEWYHASLTRAQAEHMLMRVPRDGAFLVRKRNEPNSYAISFRAEGKIKHCRVQQEGQTVMLGNSEFDSLVDLIS
YYEKHPLYRKMKLRYPINEEALEKIGTAEPDYGA
;
B
#
# COMPACT_ATOMS: atom_id res chain seq x y z
N PHE A 22 16.00 22.14 -30.21
CA PHE A 22 14.83 22.38 -29.36
C PHE A 22 13.78 21.25 -29.48
N GLU A 23 13.91 20.40 -30.51
CA GLU A 23 12.87 19.41 -30.82
C GLU A 23 13.16 18.01 -30.26
N LEU A 24 12.10 17.26 -29.98
CA LEU A 24 12.22 15.94 -29.40
C LEU A 24 12.08 14.81 -30.42
N PRO A 25 12.87 13.74 -30.27
CA PRO A 25 12.84 12.56 -31.15
C PRO A 25 11.54 11.79 -31.05
N GLU A 26 11.08 11.26 -32.18
CA GLU A 26 9.80 10.58 -32.24
C GLU A 26 9.86 9.17 -31.65
N ASP A 27 8.73 8.73 -31.10
CA ASP A 27 8.59 7.36 -30.62
C ASP A 27 7.14 6.96 -30.79
N PRO A 28 6.81 6.38 -31.94
CA PRO A 28 5.42 6.14 -32.37
C PRO A 28 4.61 5.30 -31.40
N LYS A 29 5.20 4.26 -30.81
CA LYS A 29 4.43 3.37 -29.95
C LYS A 29 3.93 4.05 -28.67
N TRP A 30 4.64 5.07 -28.20
CA TRP A 30 4.24 5.79 -26.98
C TRP A 30 3.53 7.11 -27.25
N GLU A 31 3.53 7.56 -28.50
CA GLU A 31 2.98 8.87 -28.83
C GLU A 31 1.45 8.88 -28.76
N PHE A 32 0.89 10.01 -28.32
CA PHE A 32 -0.56 10.13 -28.12
C PHE A 32 -1.07 11.48 -28.62
N PRO A 33 -2.17 11.48 -29.42
CA PRO A 33 -2.67 12.67 -30.12
C PRO A 33 -3.17 13.75 -29.17
N ARG A 34 -2.85 15.02 -29.42
CA ARG A 34 -3.18 16.10 -28.46
C ARG A 34 -4.67 16.46 -28.42
N ASP A 35 -5.42 16.14 -29.46
CA ASP A 35 -6.86 16.37 -29.49
C ASP A 35 -7.57 15.29 -28.70
N LYS A 36 -6.93 14.13 -28.67
CA LYS A 36 -7.39 12.96 -27.95
C LYS A 36 -7.39 13.20 -26.43
N LEU A 37 -6.88 14.37 -26.02
CA LEU A 37 -6.57 14.69 -24.62
C LEU A 37 -7.19 16.00 -24.13
N THR A 38 -7.83 15.95 -22.96
CA THR A 38 -8.48 17.13 -22.42
C THR A 38 -7.97 17.45 -21.02
N LEU A 39 -7.07 18.43 -20.94
CA LEU A 39 -6.46 18.79 -19.65
C LEU A 39 -7.50 19.35 -18.69
N GLY A 40 -7.28 19.17 -17.38
CA GLY A 40 -8.26 19.59 -16.40
C GLY A 40 -7.76 20.09 -15.06
N LYS A 41 -8.30 19.47 -14.00
CA LYS A 41 -8.05 19.89 -12.62
C LYS A 41 -6.61 19.61 -12.14
N PRO A 42 -5.89 20.65 -11.67
CA PRO A 42 -4.53 20.46 -11.17
C PRO A 42 -4.47 19.53 -9.97
N LEU A 43 -3.41 18.74 -9.89
CA LEU A 43 -3.24 17.70 -8.88
C LEU A 43 -2.01 17.99 -8.03
N GLY A 44 -1.03 18.63 -8.65
CA GLY A 44 0.20 18.93 -7.97
C GLY A 44 0.90 20.04 -8.70
N GLU A 45 1.67 20.82 -7.97
CA GLU A 45 2.51 21.83 -8.59
C GLU A 45 3.85 21.82 -7.88
N GLY A 46 4.91 21.78 -8.68
CA GLY A 46 6.26 21.94 -8.18
C GLY A 46 6.71 23.32 -8.60
N ALA A 47 8.02 23.53 -8.65
CA ALA A 47 8.55 24.84 -9.06
C ALA A 47 8.47 24.98 -10.58
N PHE A 48 9.04 24.02 -11.29
CA PHE A 48 9.06 24.06 -12.74
C PHE A 48 8.03 23.08 -13.31
N GLY A 49 7.54 22.17 -12.47
CA GLY A 49 6.60 21.14 -12.89
C GLY A 49 5.16 21.32 -12.43
N GLN A 50 4.26 20.67 -13.14
CA GLN A 50 2.85 20.68 -12.80
C GLN A 50 2.22 19.37 -13.24
N VAL A 51 1.32 18.85 -12.43
CA VAL A 51 0.55 17.65 -12.75
C VAL A 51 -0.93 17.98 -12.79
N VAL A 52 -1.58 17.68 -13.91
CA VAL A 52 -3.01 17.97 -14.02
C VAL A 52 -3.80 16.71 -14.33
N MET A 53 -5.02 16.67 -13.85
CA MET A 53 -5.94 15.58 -14.20
C MET A 53 -6.37 15.78 -15.65
N ALA A 54 -6.68 14.71 -16.37
CA ALA A 54 -7.19 14.88 -17.73
C ALA A 54 -8.04 13.70 -18.23
N GLU A 55 -8.72 13.92 -19.34
CA GLU A 55 -9.47 12.87 -20.00
C GLU A 55 -8.81 12.55 -21.32
N ALA A 56 -8.44 11.29 -21.48
CA ALA A 56 -7.76 10.82 -22.69
C ALA A 56 -8.57 9.71 -23.31
N VAL A 57 -9.23 10.01 -24.43
CA VAL A 57 -10.07 8.99 -25.03
C VAL A 57 -9.21 8.07 -25.91
N GLY A 58 -9.53 6.78 -25.88
CA GLY A 58 -8.79 5.79 -26.63
C GLY A 58 -7.34 5.51 -26.25
N ILE A 59 -6.93 5.88 -25.04
CA ILE A 59 -5.56 5.60 -24.59
C ILE A 59 -5.44 4.12 -24.24
N ASP A 60 -6.57 3.49 -23.98
CA ASP A 60 -6.65 2.05 -23.99
C ASP A 60 -6.84 1.59 -25.43
N LYS A 61 -6.00 0.66 -25.88
CA LYS A 61 -5.97 0.23 -27.28
C LYS A 61 -7.07 -0.80 -27.54
N ASP A 62 -7.54 -1.42 -26.46
CA ASP A 62 -8.61 -2.41 -26.53
C ASP A 62 -9.98 -1.73 -26.48
N LYS A 63 -10.02 -0.52 -25.93
CA LYS A 63 -11.24 0.27 -25.86
C LYS A 63 -11.06 1.63 -26.53
N PRO A 64 -10.94 1.65 -27.87
CA PRO A 64 -10.55 2.84 -28.64
C PRO A 64 -11.48 4.03 -28.54
N LYS A 65 -12.70 3.83 -28.06
CA LYS A 65 -13.65 4.94 -28.01
C LYS A 65 -13.93 5.42 -26.59
N GLU A 66 -13.37 4.73 -25.59
CA GLU A 66 -13.65 5.05 -24.18
C GLU A 66 -12.64 6.05 -23.59
N ALA A 67 -13.17 7.06 -22.90
CA ALA A 67 -12.37 8.09 -22.22
C ALA A 67 -11.80 7.58 -20.91
N VAL A 68 -10.52 7.82 -20.69
CA VAL A 68 -9.85 7.36 -19.47
C VAL A 68 -9.36 8.52 -18.63
N THR A 69 -9.67 8.53 -17.35
CA THR A 69 -9.10 9.54 -16.48
C THR A 69 -7.62 9.26 -16.25
N VAL A 70 -6.79 10.26 -16.54
CA VAL A 70 -5.34 10.15 -16.45
C VAL A 70 -4.76 11.37 -15.71
N ALA A 71 -3.46 11.33 -15.45
CA ALA A 71 -2.73 12.46 -14.89
C ALA A 71 -1.67 12.87 -15.89
N VAL A 72 -1.42 14.16 -16.03
CA VAL A 72 -0.48 14.63 -17.02
C VAL A 72 0.57 15.51 -16.36
N LYS A 73 1.83 15.10 -16.46
CA LYS A 73 2.95 15.90 -15.97
C LYS A 73 3.45 16.79 -17.09
N MET A 74 3.83 18.03 -16.74
CA MET A 74 4.25 19.02 -17.74
C MET A 74 5.00 20.15 -17.04
N LEU A 75 5.58 21.05 -17.81
CA LEU A 75 6.34 22.14 -17.23
C LEU A 75 5.48 23.41 -17.07
N LYS A 76 5.91 24.32 -16.19
CA LYS A 76 5.40 25.68 -16.22
C LYS A 76 6.04 26.41 -17.41
N ASP A 77 5.59 27.60 -17.74
CA ASP A 77 6.14 28.30 -18.88
C ASP A 77 7.57 28.79 -18.56
N ASP A 78 7.83 29.04 -17.27
CA ASP A 78 9.13 29.51 -16.79
C ASP A 78 10.17 28.40 -16.61
N ALA A 79 9.91 27.25 -17.22
CA ALA A 79 10.86 26.15 -17.16
C ALA A 79 11.96 26.41 -18.18
N THR A 80 13.18 25.96 -17.88
CA THR A 80 14.32 26.14 -18.76
C THR A 80 14.47 24.98 -19.76
N GLU A 81 15.51 25.03 -20.59
CA GLU A 81 15.81 23.94 -21.51
C GLU A 81 16.17 22.71 -20.69
N LYS A 82 16.91 22.94 -19.61
CA LYS A 82 17.35 21.85 -18.76
C LYS A 82 16.16 21.22 -18.03
N ASP A 83 15.18 22.04 -17.67
CA ASP A 83 13.97 21.54 -17.02
C ASP A 83 13.28 20.55 -17.93
N LEU A 84 13.42 20.75 -19.23
CA LEU A 84 12.77 19.91 -20.23
C LEU A 84 13.49 18.58 -20.42
N SER A 85 14.82 18.63 -20.49
CA SER A 85 15.60 17.43 -20.66
C SER A 85 15.44 16.54 -19.42
N ASP A 86 15.22 17.17 -18.27
CA ASP A 86 14.96 16.42 -17.05
C ASP A 86 13.68 15.61 -17.14
N LEU A 87 12.61 16.24 -17.62
CA LEU A 87 11.33 15.57 -17.81
C LEU A 87 11.37 14.50 -18.89
N VAL A 88 12.16 14.72 -19.95
CA VAL A 88 12.34 13.70 -20.96
C VAL A 88 13.04 12.48 -20.37
N SER A 89 14.09 12.70 -19.60
CA SER A 89 14.82 11.62 -18.96
C SER A 89 13.95 10.81 -18.01
N GLU A 90 13.18 11.49 -17.17
CA GLU A 90 12.24 10.84 -16.27
C GLU A 90 11.25 9.97 -17.07
N MET A 91 10.81 10.45 -18.21
CA MET A 91 9.91 9.65 -19.05
C MET A 91 10.60 8.40 -19.60
N GLU A 92 11.84 8.55 -20.07
CA GLU A 92 12.56 7.42 -20.61
C GLU A 92 12.86 6.39 -19.51
N MET A 93 13.13 6.85 -18.30
CA MET A 93 13.27 5.93 -17.17
C MET A 93 12.04 5.04 -17.05
N MET A 94 10.86 5.65 -17.11
CA MET A 94 9.60 4.90 -16.98
C MET A 94 9.35 3.93 -18.14
N LYS A 95 9.83 4.25 -19.33
CA LYS A 95 9.79 3.32 -20.45
C LYS A 95 10.65 2.09 -20.20
N MET A 96 11.88 2.34 -19.75
CA MET A 96 12.85 1.29 -19.49
C MET A 96 12.47 0.39 -18.30
N ILE A 97 11.89 0.98 -17.26
CA ILE A 97 11.61 0.23 -16.03
C ILE A 97 10.57 -0.85 -16.30
N GLY A 98 9.60 -0.53 -17.15
CA GLY A 98 8.56 -1.47 -17.50
C GLY A 98 7.46 -1.48 -16.46
N LYS A 99 6.50 -2.38 -16.66
CA LYS A 99 5.27 -2.33 -15.89
C LYS A 99 5.37 -3.23 -14.67
N HIS A 100 4.77 -2.79 -13.58
CA HIS A 100 4.67 -3.55 -12.34
C HIS A 100 3.49 -3.01 -11.58
N LYS A 101 2.82 -3.87 -10.81
CA LYS A 101 1.60 -3.48 -10.12
C LYS A 101 1.86 -2.44 -9.04
N ASN A 102 3.12 -2.25 -8.66
CA ASN A 102 3.43 -1.30 -7.60
C ASN A 102 4.27 -0.11 -8.07
N ILE A 103 4.32 0.07 -9.39
CA ILE A 103 4.92 1.24 -10.01
C ILE A 103 3.89 1.94 -10.88
N ILE A 104 3.78 3.27 -10.76
CA ILE A 104 2.74 4.01 -11.46
C ILE A 104 2.91 3.79 -12.95
N ASN A 105 1.80 3.62 -13.64
CA ASN A 105 1.83 3.21 -15.04
C ASN A 105 2.05 4.35 -16.02
N LEU A 106 3.06 4.25 -16.88
CA LEU A 106 3.21 5.23 -17.97
C LEU A 106 2.26 4.89 -19.14
N LEU A 107 1.41 5.84 -19.52
CA LEU A 107 0.40 5.57 -20.53
C LEU A 107 0.84 6.03 -21.90
N GLY A 108 1.60 7.12 -21.96
CA GLY A 108 2.01 7.67 -23.23
C GLY A 108 2.44 9.12 -23.13
N ALA A 109 2.74 9.75 -24.27
CA ALA A 109 3.23 11.12 -24.25
C ALA A 109 2.82 11.95 -25.45
N CYS A 110 2.83 13.26 -25.24
CA CYS A 110 2.75 14.24 -26.31
C CYS A 110 4.10 14.92 -26.39
N THR A 111 4.90 14.52 -27.38
CA THR A 111 6.25 15.07 -27.52
C THR A 111 6.36 15.97 -28.72
N GLN A 112 5.37 15.89 -29.61
CA GLN A 112 5.47 16.47 -30.94
C GLN A 112 4.60 17.70 -31.15
N ASP A 113 5.21 18.73 -31.75
CA ASP A 113 4.53 19.98 -32.10
C ASP A 113 3.67 20.59 -30.97
N GLY A 114 4.33 21.09 -29.94
CA GLY A 114 3.66 21.60 -28.76
C GLY A 114 4.38 21.16 -27.50
N PRO A 115 3.83 21.53 -26.32
CA PRO A 115 4.48 21.25 -25.02
C PRO A 115 4.52 19.75 -24.67
N LEU A 116 5.57 19.35 -23.96
CA LEU A 116 5.72 17.96 -23.61
C LEU A 116 4.71 17.54 -22.53
N TYR A 117 3.82 16.63 -22.89
CA TYR A 117 2.87 16.05 -21.94
C TYR A 117 3.22 14.60 -21.62
N VAL A 118 3.53 14.30 -20.37
CA VAL A 118 3.80 12.93 -19.98
C VAL A 118 2.54 12.36 -19.34
N ILE A 119 1.95 11.36 -19.98
CA ILE A 119 0.65 10.85 -19.54
C ILE A 119 0.80 9.57 -18.71
N VAL A 120 0.13 9.54 -17.57
CA VAL A 120 0.37 8.53 -16.57
C VAL A 120 -0.95 8.13 -15.89
N ALA A 121 -1.00 6.92 -15.30
CA ALA A 121 -2.20 6.44 -14.64
C ALA A 121 -2.62 7.37 -13.51
N TYR A 122 -3.92 7.63 -13.42
CA TYR A 122 -4.47 8.48 -12.37
C TYR A 122 -4.65 7.71 -11.08
N ALA A 123 -4.09 8.23 -10.00
CA ALA A 123 -4.29 7.64 -8.69
C ALA A 123 -5.25 8.52 -7.91
N SER A 124 -6.45 8.02 -7.65
CA SER A 124 -7.48 8.90 -7.09
C SER A 124 -7.32 9.17 -5.58
N LYS A 125 -6.37 8.53 -4.91
CA LYS A 125 -6.27 8.83 -3.48
C LYS A 125 -5.05 9.67 -3.10
N GLY A 126 -4.44 10.30 -4.10
CA GLY A 126 -3.34 11.23 -3.90
C GLY A 126 -2.06 10.53 -3.49
N ASN A 127 -1.11 11.29 -2.93
CA ASN A 127 0.13 10.70 -2.49
C ASN A 127 0.00 10.11 -1.11
N LEU A 128 0.82 9.12 -0.82
CA LEU A 128 0.82 8.40 0.46
C LEU A 128 0.85 9.30 1.70
N ARG A 129 1.52 10.46 1.66
CA ARG A 129 1.51 11.32 2.84
C ARG A 129 0.12 11.89 3.12
N GLU A 130 -0.51 12.51 2.12
CA GLU A 130 -1.90 12.96 2.22
C GLU A 130 -2.87 11.85 2.66
N TYR A 131 -2.72 10.70 2.00
CA TYR A 131 -3.54 9.56 2.22
C TYR A 131 -3.50 9.12 3.67
N LEU A 132 -2.29 9.03 4.23
CA LEU A 132 -2.14 8.61 5.60
C LEU A 132 -2.71 9.64 6.58
N ARG A 133 -2.44 10.92 6.31
CA ARG A 133 -2.84 11.99 7.23
C ARG A 133 -4.36 12.11 7.40
N ALA A 134 -5.10 11.81 6.35
CA ALA A 134 -6.54 11.88 6.42
C ALA A 134 -7.14 10.59 6.98
N ARG A 135 -6.29 9.66 7.36
CA ARG A 135 -6.77 8.36 7.81
C ARG A 135 -6.19 8.01 9.18
N ARG A 136 -5.88 9.07 9.93
CA ARG A 136 -5.40 8.98 11.30
C ARG A 136 -6.57 8.74 12.26
N PRO A 137 -6.25 8.38 13.51
CA PRO A 137 -7.32 8.38 14.51
C PRO A 137 -7.83 9.81 14.73
N PRO A 138 -9.01 9.96 15.35
CA PRO A 138 -9.63 11.28 15.56
C PRO A 138 -8.83 12.22 16.46
N GLY A 139 -9.13 13.51 16.39
CA GLY A 139 -8.48 14.49 17.25
C GLY A 139 -9.25 14.76 18.54
N ASN A 147 -11.15 17.09 5.62
CA ASN A 147 -10.14 16.27 4.94
C ASN A 147 -10.15 14.82 5.33
N ARG A 148 -10.50 14.59 6.59
CA ARG A 148 -10.36 13.28 7.19
C ARG A 148 -11.31 12.25 6.57
N VAL A 149 -10.85 11.02 6.42
CA VAL A 149 -11.70 9.95 5.92
C VAL A 149 -11.87 8.88 7.01
N PRO A 150 -12.72 9.16 7.99
CA PRO A 150 -12.87 8.32 9.19
C PRO A 150 -13.20 6.85 8.92
N GLU A 151 -13.96 6.57 7.87
CA GLU A 151 -14.34 5.19 7.61
C GLU A 151 -13.18 4.42 6.99
N GLU A 152 -12.11 5.13 6.65
CA GLU A 152 -10.95 4.45 6.08
C GLU A 152 -9.73 4.57 7.00
N GLN A 153 -9.97 4.86 8.29
CA GLN A 153 -8.90 4.95 9.28
C GLN A 153 -7.94 3.73 9.19
N MET A 154 -6.63 4.01 9.18
CA MET A 154 -5.60 2.97 8.97
C MET A 154 -5.52 2.02 10.15
N THR A 155 -5.39 0.73 9.86
CA THR A 155 -5.07 -0.28 10.87
C THR A 155 -3.62 -0.74 10.75
N PHE A 156 -3.14 -1.46 11.77
CA PHE A 156 -1.78 -1.97 11.75
C PHE A 156 -1.50 -2.84 10.53
N LYS A 157 -2.42 -3.77 10.24
CA LYS A 157 -2.31 -4.62 9.07
C LYS A 157 -2.25 -3.80 7.76
N ASP A 158 -3.03 -2.74 7.65
CA ASP A 158 -2.97 -1.88 6.46
C ASP A 158 -1.61 -1.24 6.30
N LEU A 159 -1.07 -0.71 7.39
CA LEU A 159 0.25 -0.11 7.39
C LEU A 159 1.32 -1.09 6.87
N VAL A 160 1.29 -2.32 7.38
CA VAL A 160 2.20 -3.36 6.92
C VAL A 160 1.97 -3.69 5.45
N SER A 161 0.72 -3.70 5.03
CA SER A 161 0.40 -3.98 3.64
C SER A 161 1.01 -2.93 2.70
N CYS A 162 0.83 -1.64 3.04
CA CYS A 162 1.52 -0.53 2.38
C CYS A 162 2.99 -0.80 2.18
N THR A 163 3.65 -1.13 3.28
CA THR A 163 5.09 -1.34 3.32
C THR A 163 5.54 -2.51 2.46
N TYR A 164 4.80 -3.61 2.55
CA TYR A 164 5.08 -4.77 1.73
C TYR A 164 4.93 -4.45 0.23
N GLN A 165 3.87 -3.75 -0.15
CA GLN A 165 3.70 -3.40 -1.56
C GLN A 165 4.87 -2.57 -2.09
N LEU A 166 5.30 -1.59 -1.31
CA LEU A 166 6.38 -0.72 -1.71
C LEU A 166 7.70 -1.49 -1.75
N ALA A 167 7.82 -2.46 -0.86
CA ALA A 167 8.98 -3.32 -0.86
C ALA A 167 9.01 -4.10 -2.17
N ARG A 168 7.86 -4.58 -2.62
CA ARG A 168 7.80 -5.35 -3.85
C ARG A 168 8.11 -4.52 -5.09
N GLY A 169 7.63 -3.27 -5.09
CA GLY A 169 7.85 -2.36 -6.21
C GLY A 169 9.32 -2.06 -6.33
N MET A 170 9.96 -1.84 -5.19
CA MET A 170 11.39 -1.58 -5.14
C MET A 170 12.22 -2.81 -5.54
N GLU A 171 11.77 -3.99 -5.14
CA GLU A 171 12.44 -5.23 -5.49
C GLU A 171 12.45 -5.42 -7.00
N TYR A 172 11.34 -5.04 -7.64
CA TYR A 172 11.28 -5.09 -9.09
C TYR A 172 12.18 -4.02 -9.72
N LEU A 173 12.09 -2.80 -9.18
CA LEU A 173 12.88 -1.69 -9.68
C LEU A 173 14.38 -2.04 -9.65
N ALA A 174 14.81 -2.61 -8.52
CA ALA A 174 16.19 -3.06 -8.33
C ALA A 174 16.56 -4.23 -9.26
N SER A 175 15.58 -5.04 -9.63
CA SER A 175 15.85 -6.17 -10.50
C SER A 175 15.96 -5.69 -11.94
N GLN A 176 15.54 -4.47 -12.19
CA GLN A 176 15.72 -3.89 -13.50
C GLN A 176 17.02 -3.10 -13.53
N LYS A 177 17.80 -3.25 -12.46
CA LYS A 177 19.11 -2.62 -12.30
C LYS A 177 19.00 -1.10 -12.42
N CYS A 178 17.97 -0.54 -11.78
CA CYS A 178 17.79 0.90 -11.71
C CYS A 178 17.68 1.33 -10.26
N ILE A 179 18.00 2.57 -9.96
CA ILE A 179 17.82 3.06 -8.60
C ILE A 179 16.86 4.22 -8.66
N HIS A 180 16.08 4.39 -7.59
CA HIS A 180 15.06 5.43 -7.56
C HIS A 180 15.62 6.81 -7.15
N ARG A 181 16.45 6.83 -6.10
CA ARG A 181 17.06 8.05 -5.53
C ARG A 181 16.09 9.09 -4.96
N ASP A 182 14.81 8.77 -4.85
CA ASP A 182 13.87 9.73 -4.28
C ASP A 182 12.65 8.99 -3.69
N LEU A 183 12.90 7.89 -2.98
CA LEU A 183 11.82 7.26 -2.24
C LEU A 183 11.38 8.16 -1.11
N ALA A 184 10.10 8.48 -1.08
CA ALA A 184 9.53 9.31 -0.03
C ALA A 184 8.02 9.21 -0.15
N ALA A 185 7.28 9.50 0.90
CA ALA A 185 5.82 9.38 0.84
C ALA A 185 5.19 10.37 -0.15
N ARG A 186 5.86 11.50 -0.37
CA ARG A 186 5.40 12.49 -1.35
C ARG A 186 5.49 11.96 -2.78
N ASN A 187 6.22 10.87 -2.98
CA ASN A 187 6.39 10.27 -4.32
C ASN A 187 5.80 8.87 -4.44
N VAL A 188 4.86 8.56 -3.56
CA VAL A 188 4.10 7.32 -3.69
C VAL A 188 2.66 7.69 -3.91
N LEU A 189 2.00 7.08 -4.88
CA LEU A 189 0.59 7.34 -5.10
C LEU A 189 -0.27 6.17 -4.62
N VAL A 190 -1.49 6.49 -4.26
CA VAL A 190 -2.41 5.49 -3.79
C VAL A 190 -3.58 5.52 -4.73
N THR A 191 -3.94 4.35 -5.26
CA THR A 191 -5.06 4.22 -6.19
C THR A 191 -6.39 4.03 -5.44
N GLU A 192 -7.47 3.92 -6.22
CA GLU A 192 -8.80 3.77 -5.65
C GLU A 192 -8.97 2.46 -4.87
N ASN A 193 -8.29 1.41 -5.31
CA ASN A 193 -8.31 0.13 -4.58
C ASN A 193 -7.19 0.01 -3.56
N ASN A 194 -6.65 1.12 -3.10
CA ASN A 194 -5.56 1.14 -2.11
C ASN A 194 -4.28 0.44 -2.56
N VAL A 195 -3.93 0.58 -3.83
CA VAL A 195 -2.68 0.02 -4.31
C VAL A 195 -1.59 1.07 -4.26
N MET A 196 -0.43 0.71 -3.74
CA MET A 196 0.70 1.63 -3.68
C MET A 196 1.42 1.67 -5.02
N LYS A 197 1.59 2.88 -5.57
CA LYS A 197 2.31 3.07 -6.82
C LYS A 197 3.53 3.93 -6.58
N ILE A 198 4.72 3.37 -6.73
CA ILE A 198 5.94 4.18 -6.70
C ILE A 198 5.96 5.14 -7.89
N ALA A 199 6.27 6.41 -7.63
CA ALA A 199 6.24 7.43 -8.68
C ALA A 199 7.42 8.41 -8.60
N ASP A 200 7.32 9.51 -9.33
CA ASP A 200 8.38 10.53 -9.48
C ASP A 200 9.77 9.92 -9.79
N PHE A 201 10.03 9.72 -11.07
CA PHE A 201 11.25 9.06 -11.51
C PHE A 201 12.29 10.04 -11.98
N GLY A 202 12.25 11.25 -11.42
CA GLY A 202 13.09 12.34 -11.87
C GLY A 202 14.53 12.28 -11.39
N LEU A 203 14.80 11.45 -10.38
CA LEU A 203 16.16 11.30 -9.92
C LEU A 203 16.70 9.93 -10.26
N ALA A 204 15.80 9.08 -10.77
CA ALA A 204 16.07 7.69 -11.08
C ALA A 204 17.19 7.53 -12.09
N ARG A 205 17.99 6.47 -11.95
CA ARG A 205 19.07 6.26 -12.90
C ARG A 205 19.22 4.79 -13.27
N ASP A 206 19.70 4.55 -14.48
CA ASP A 206 20.14 3.22 -14.89
C ASP A 206 21.54 2.98 -14.33
N ILE A 207 21.73 1.89 -13.57
CA ILE A 207 23.07 1.50 -13.12
C ILE A 207 23.44 0.08 -13.53
N ASN A 208 22.88 -0.38 -14.64
CA ASN A 208 23.24 -1.68 -15.18
C ASN A 208 24.74 -1.75 -15.49
N ASN A 209 25.36 -2.87 -15.12
CA ASN A 209 26.79 -3.11 -15.39
C ASN A 209 27.76 -2.07 -14.84
N ILE A 210 27.40 -1.39 -13.76
CA ILE A 210 28.32 -0.45 -13.13
C ILE A 210 28.07 -0.46 -11.62
N ASP A 211 26.81 -0.63 -11.24
CA ASP A 211 26.36 -0.89 -9.87
C ASP A 211 26.60 0.21 -8.84
N PHE A 212 26.81 1.43 -9.34
CA PHE A 212 26.74 2.63 -8.53
C PHE A 212 26.46 3.77 -9.49
N PHE A 213 25.79 4.82 -9.01
CA PHE A 213 25.68 6.03 -9.79
C PHE A 213 26.42 7.12 -9.04
N LYS A 214 27.33 7.80 -9.73
CA LYS A 214 28.10 8.87 -9.10
C LYS A 214 27.65 10.22 -9.65
N GLU A 215 27.02 10.99 -8.78
CA GLU A 215 26.50 12.30 -9.14
C GLU A 215 27.64 13.32 -9.19
N THR A 216 27.83 13.96 -10.34
CA THR A 216 28.94 14.88 -10.51
C THR A 216 28.48 16.35 -10.39
N THR A 217 27.23 16.60 -10.81
CA THR A 217 26.58 17.89 -10.62
C THR A 217 26.12 17.94 -9.18
N ASN A 218 25.92 19.12 -8.60
CA ASN A 218 25.25 19.17 -7.29
C ASN A 218 23.76 18.85 -7.48
N GLY A 219 22.85 19.59 -6.85
CA GLY A 219 21.46 19.44 -7.23
C GLY A 219 20.42 19.39 -6.13
N ARG A 220 19.20 19.07 -6.55
CA ARG A 220 18.12 18.83 -5.64
C ARG A 220 18.48 17.55 -4.89
N LEU A 221 18.57 17.67 -3.58
CA LEU A 221 18.93 16.52 -2.78
C LEU A 221 17.90 16.39 -1.68
N PRO A 222 17.20 15.25 -1.65
CA PRO A 222 16.22 14.97 -0.60
C PRO A 222 16.95 14.48 0.66
N VAL A 223 17.70 15.41 1.24
CA VAL A 223 18.67 15.13 2.28
C VAL A 223 18.15 14.23 3.41
N LYS A 224 16.92 14.41 3.85
CA LYS A 224 16.44 13.62 4.97
C LYS A 224 16.06 12.20 4.60
N TRP A 225 16.20 11.83 3.32
CA TRP A 225 15.95 10.45 2.91
C TRP A 225 17.24 9.75 2.44
N MET A 226 18.36 10.47 2.47
CA MET A 226 19.60 9.92 1.89
C MET A 226 20.51 9.19 2.88
N ALA A 227 21.07 8.07 2.45
CA ALA A 227 22.08 7.38 3.24
C ALA A 227 23.28 8.30 3.44
N PRO A 228 24.05 8.10 4.52
CA PRO A 228 25.20 9.00 4.75
C PRO A 228 26.24 8.94 3.61
N GLU A 229 26.48 7.76 3.03
CA GLU A 229 27.44 7.66 1.91
C GLU A 229 27.00 8.48 0.72
N ALA A 230 25.70 8.65 0.53
CA ALA A 230 25.23 9.42 -0.61
C ALA A 230 25.37 10.92 -0.31
N LEU A 231 25.10 11.31 0.94
CA LEU A 231 25.26 12.69 1.38
C LEU A 231 26.70 13.11 1.21
N PHE A 232 27.61 12.19 1.46
CA PHE A 232 29.03 12.50 1.51
C PHE A 232 29.78 12.29 0.20
N ASP A 233 29.68 11.08 -0.37
CA ASP A 233 30.41 10.76 -1.60
C ASP A 233 29.62 11.08 -2.86
N ARG A 234 28.35 11.45 -2.69
CA ARG A 234 27.45 11.66 -3.83
C ARG A 234 27.35 10.40 -4.71
N VAL A 235 27.42 9.24 -4.08
CA VAL A 235 27.31 7.98 -4.80
C VAL A 235 26.07 7.19 -4.35
N TYR A 236 25.37 6.61 -5.30
CA TYR A 236 24.09 5.97 -5.02
C TYR A 236 24.11 4.53 -5.53
N THR A 237 23.59 3.62 -4.70
CA THR A 237 23.53 2.21 -5.01
C THR A 237 22.18 1.67 -4.58
N HIS A 238 21.94 0.38 -4.82
CA HIS A 238 20.73 -0.25 -4.30
C HIS A 238 20.70 -0.14 -2.79
N GLN A 239 21.88 -0.08 -2.18
CA GLN A 239 21.95 0.03 -0.73
C GLN A 239 21.44 1.38 -0.19
N SER A 240 21.73 2.48 -0.89
CA SER A 240 21.22 3.76 -0.40
C SER A 240 19.71 3.88 -0.61
N ASP A 241 19.16 3.21 -1.61
CA ASP A 241 17.70 3.18 -1.80
C ASP A 241 17.03 2.49 -0.60
N VAL A 242 17.68 1.44 -0.12
CA VAL A 242 17.20 0.68 1.04
C VAL A 242 17.18 1.58 2.28
N TRP A 243 18.17 2.45 2.41
CA TRP A 243 18.19 3.45 3.48
C TRP A 243 16.97 4.34 3.38
N SER A 244 16.71 4.83 2.18
CA SER A 244 15.54 5.66 1.93
C SER A 244 14.27 4.89 2.24
N PHE A 245 14.28 3.58 1.97
CA PHE A 245 13.12 2.74 2.22
C PHE A 245 12.77 2.72 3.71
N GLY A 246 13.80 2.80 4.53
CA GLY A 246 13.59 2.75 5.96
C GLY A 246 12.96 4.02 6.45
N VAL A 247 13.33 5.13 5.82
CA VAL A 247 12.76 6.43 6.18
C VAL A 247 11.30 6.45 5.73
N LEU A 248 11.05 5.88 4.55
CA LEU A 248 9.70 5.73 4.05
C LEU A 248 8.84 4.90 5.04
N MET A 249 9.44 3.84 5.60
CA MET A 249 8.74 2.99 6.56
C MET A 249 8.32 3.81 7.75
N TRP A 250 9.22 4.69 8.19
CA TRP A 250 8.97 5.56 9.32
C TRP A 250 7.83 6.50 8.98
N GLU A 251 7.85 7.06 7.77
CA GLU A 251 6.78 7.94 7.36
C GLU A 251 5.42 7.24 7.41
N ILE A 252 5.42 5.98 7.05
CA ILE A 252 4.19 5.21 7.02
C ILE A 252 3.64 4.96 8.43
N PHE A 253 4.51 4.58 9.35
CA PHE A 253 4.06 4.15 10.66
C PHE A 253 3.81 5.33 11.60
N THR A 254 4.27 6.50 11.20
CA THR A 254 3.94 7.74 11.88
C THR A 254 2.76 8.33 11.16
N LEU A 255 2.19 7.53 10.25
CA LEU A 255 1.04 7.95 9.42
C LEU A 255 1.24 9.33 8.81
N GLY A 256 2.30 9.49 8.01
CA GLY A 256 2.56 10.72 7.29
C GLY A 256 3.36 11.78 8.02
N GLY A 257 4.13 11.38 9.04
CA GLY A 257 4.95 12.33 9.79
C GLY A 257 6.16 12.77 9.00
N SER A 258 6.79 13.87 9.43
CA SER A 258 7.98 14.42 8.75
C SER A 258 9.22 14.01 9.48
N PRO A 259 10.14 13.37 8.76
CA PRO A 259 11.39 12.84 9.34
C PRO A 259 12.28 13.86 10.04
N TYR A 260 13.02 13.35 11.02
CA TYR A 260 13.97 14.09 11.88
C TYR A 260 13.39 15.36 12.48
N PRO A 261 12.29 15.22 13.24
CA PRO A 261 11.61 16.41 13.75
C PRO A 261 12.50 17.31 14.60
N GLY A 262 12.44 18.61 14.30
CA GLY A 262 13.21 19.61 15.02
C GLY A 262 14.68 19.68 14.64
N ILE A 263 15.07 18.89 13.64
CA ILE A 263 16.45 18.88 13.18
C ILE A 263 16.59 19.46 11.77
N PRO A 264 17.46 20.47 11.63
CA PRO A 264 17.69 21.12 10.32
C PRO A 264 18.59 20.25 9.48
N VAL A 265 18.54 20.39 8.15
CA VAL A 265 19.28 19.49 7.29
C VAL A 265 20.78 19.70 7.41
N GLU A 266 21.21 20.92 7.69
CA GLU A 266 22.64 21.18 7.80
C GLU A 266 23.28 20.36 8.92
N GLU A 267 22.47 19.89 9.87
CA GLU A 267 22.99 19.16 11.01
C GLU A 267 22.84 17.64 10.93
N LEU A 268 22.04 17.17 9.98
CA LEU A 268 21.70 15.73 9.94
C LEU A 268 22.90 14.80 9.73
N PHE A 269 23.81 15.17 8.81
CA PHE A 269 24.92 14.27 8.46
C PHE A 269 25.83 13.94 9.65
N LYS A 270 26.29 14.97 10.33
CA LYS A 270 27.08 14.75 11.52
C LYS A 270 26.30 13.90 12.51
N LEU A 271 25.04 14.23 12.71
CA LEU A 271 24.18 13.50 13.63
C LEU A 271 24.12 12.05 13.21
N LEU A 272 23.98 11.81 11.92
CA LEU A 272 23.87 10.44 11.41
C LEU A 272 25.16 9.63 11.56
N LYS A 273 26.31 10.23 11.23
CA LYS A 273 27.62 9.58 11.44
C LYS A 273 27.91 9.24 12.90
N GLU A 274 27.37 10.02 13.82
CA GLU A 274 27.67 9.76 15.21
C GLU A 274 26.57 8.95 15.88
N GLY A 275 25.70 8.35 15.09
CA GLY A 275 24.84 7.28 15.56
C GLY A 275 23.36 7.58 15.67
N HIS A 276 22.98 8.82 15.44
CA HIS A 276 21.57 9.20 15.58
C HIS A 276 20.65 8.55 14.56
N ARG A 277 19.55 8.02 15.06
CA ARG A 277 18.47 7.43 14.26
C ARG A 277 17.14 7.84 14.84
N MET A 278 16.10 7.91 14.00
CA MET A 278 14.76 8.23 14.49
C MET A 278 14.24 7.20 15.49
N ASP A 279 13.41 7.66 16.42
CA ASP A 279 12.80 6.79 17.41
C ASP A 279 11.72 5.91 16.80
N LYS A 280 11.41 4.82 17.50
CA LYS A 280 10.32 3.95 17.10
C LYS A 280 8.97 4.67 17.17
N PRO A 281 8.24 4.72 16.05
CA PRO A 281 6.83 5.13 16.10
C PRO A 281 5.99 4.14 16.90
N ALA A 282 4.98 4.62 17.62
CA ALA A 282 4.11 3.78 18.42
C ALA A 282 3.36 2.73 17.60
N ASN A 283 3.08 3.01 16.33
CA ASN A 283 2.28 2.07 15.55
C ASN A 283 3.14 0.94 15.06
N CYS A 284 4.40 1.01 15.44
CA CYS A 284 5.43 0.14 14.93
C CYS A 284 5.76 -0.94 15.96
N THR A 285 5.87 -2.20 15.55
CA THR A 285 6.32 -3.25 16.47
C THR A 285 7.83 -3.17 16.62
N ASN A 286 8.39 -3.83 17.62
CA ASN A 286 9.83 -3.89 17.77
C ASN A 286 10.49 -4.49 16.56
N GLU A 287 9.84 -5.53 16.03
CA GLU A 287 10.35 -6.21 14.88
C GLU A 287 10.42 -5.30 13.65
N LEU A 288 9.35 -4.57 13.39
CA LEU A 288 9.35 -3.67 12.24
C LEU A 288 10.32 -2.50 12.43
N TYR A 289 10.44 -2.05 13.67
CA TYR A 289 11.44 -1.03 13.97
C TYR A 289 12.85 -1.59 13.72
N MET A 290 13.13 -2.80 14.18
CA MET A 290 14.44 -3.39 13.96
C MET A 290 14.72 -3.51 12.46
N MET A 291 13.70 -3.83 11.70
CA MET A 291 13.83 -3.82 10.24
C MET A 291 14.25 -2.43 9.77
N MET A 292 13.50 -1.44 10.24
CA MET A 292 13.77 -0.04 10.01
C MET A 292 15.23 0.30 10.36
N ARG A 293 15.64 0.03 11.60
CA ARG A 293 17.02 0.27 12.03
C ARG A 293 18.06 -0.48 11.17
N ASP A 294 17.68 -1.63 10.63
CA ASP A 294 18.59 -2.40 9.78
C ASP A 294 18.82 -1.75 8.40
N CYS A 295 17.77 -1.13 7.83
CA CYS A 295 17.89 -0.33 6.62
C CYS A 295 18.82 0.86 6.84
N TRP A 296 18.87 1.35 8.07
CA TRP A 296 19.70 2.48 8.44
C TRP A 296 21.06 2.04 8.99
N HIS A 297 21.51 0.85 8.62
CA HIS A 297 22.80 0.42 9.14
C HIS A 297 23.90 1.33 8.61
N ALA A 298 24.87 1.64 9.47
CA ALA A 298 25.99 2.51 9.05
C ALA A 298 26.79 1.88 7.90
N VAL A 299 26.94 0.56 7.90
CA VAL A 299 27.64 -0.12 6.82
C VAL A 299 26.67 -0.64 5.74
N PRO A 300 26.77 -0.13 4.50
CA PRO A 300 25.78 -0.44 3.45
C PRO A 300 25.57 -1.92 3.19
N SER A 301 26.62 -2.72 3.35
CA SER A 301 26.51 -4.15 3.05
C SER A 301 25.71 -4.90 4.12
N GLN A 302 25.59 -4.31 5.30
CA GLN A 302 24.84 -4.92 6.41
C GLN A 302 23.35 -4.60 6.33
N ARG A 303 22.96 -3.80 5.35
CA ARG A 303 21.55 -3.55 5.17
C ARG A 303 20.94 -4.72 4.43
N PRO A 304 19.62 -4.93 4.60
CA PRO A 304 18.92 -5.95 3.83
C PRO A 304 18.73 -5.49 2.40
N THR A 305 18.63 -6.43 1.47
CA THR A 305 18.27 -6.12 0.09
C THR A 305 16.76 -6.00 0.00
N PHE A 306 16.23 -5.43 -1.06
CA PHE A 306 14.79 -5.37 -1.19
C PHE A 306 14.16 -6.77 -1.24
N LYS A 307 14.85 -7.71 -1.86
CA LYS A 307 14.42 -9.11 -1.85
C LYS A 307 14.19 -9.63 -0.41
N GLN A 308 15.15 -9.40 0.47
CA GLN A 308 15.01 -9.80 1.87
C GLN A 308 13.90 -9.02 2.58
N LEU A 309 13.74 -7.75 2.23
CA LEU A 309 12.64 -6.98 2.79
C LEU A 309 11.30 -7.63 2.40
N VAL A 310 11.15 -7.98 1.13
CA VAL A 310 9.91 -8.57 0.68
C VAL A 310 9.59 -9.85 1.45
N GLU A 311 10.54 -10.78 1.50
CA GLU A 311 10.33 -12.04 2.22
C GLU A 311 9.90 -11.84 3.67
N ASP A 312 10.52 -10.90 4.36
CA ASP A 312 10.30 -10.73 5.78
C ASP A 312 8.96 -10.01 6.03
N LEU A 313 8.59 -9.12 5.11
CA LEU A 313 7.34 -8.39 5.21
C LEU A 313 6.15 -9.26 4.82
N ASP A 314 6.36 -10.14 3.85
CA ASP A 314 5.38 -11.15 3.51
C ASP A 314 5.04 -11.99 4.74
N ARG A 315 6.08 -12.45 5.42
CA ARG A 315 5.91 -13.22 6.62
C ARG A 315 5.14 -12.45 7.69
N ILE A 316 5.54 -11.21 7.93
CA ILE A 316 4.92 -10.41 8.97
C ILE A 316 3.47 -10.08 8.64
N LEU A 317 3.20 -9.77 7.36
CA LEU A 317 1.84 -9.46 6.93
C LEU A 317 0.87 -10.63 7.15
N THR A 318 1.29 -11.82 6.72
CA THR A 318 0.55 -13.07 6.89
C THR A 318 0.25 -13.43 8.34
N LEU A 319 1.28 -13.39 9.18
CA LEU A 319 1.12 -13.53 10.63
C LEU A 319 0.08 -12.55 11.22
N THR A 320 0.20 -11.28 10.86
CA THR A 320 -0.74 -10.28 11.32
C THR A 320 -2.14 -10.54 10.81
N THR A 321 -2.23 -10.93 9.55
CA THR A 321 -3.54 -11.15 8.93
C THR A 321 -4.22 -12.36 9.58
N ASN A 322 -3.49 -13.45 9.73
CA ASN A 322 -4.05 -14.66 10.33
C ASN A 322 -4.33 -14.56 11.82
N GLU A 323 -3.82 -13.54 12.49
CA GLU A 323 -4.01 -13.45 13.93
C GLU A 323 -4.98 -12.36 14.38
N GLU A 324 -5.55 -11.64 13.42
CA GLU A 324 -6.60 -10.66 13.72
C GLU A 324 -7.89 -11.30 14.22
N LEU A 326 -11.57 -9.68 15.86
CA LEU A 326 -12.31 -8.47 16.20
C LEU A 326 -12.55 -8.44 17.70
N ASP A 327 -12.32 -7.29 18.33
CA ASP A 327 -12.58 -7.16 19.77
C ASP A 327 -13.88 -6.39 20.06
N LEU A 328 -14.90 -7.11 20.53
CA LEU A 328 -16.21 -6.50 20.81
C LEU A 328 -16.34 -5.99 22.24
N SER A 329 -15.23 -5.96 22.98
CA SER A 329 -15.23 -5.29 24.26
C SER A 329 -15.42 -3.80 24.00
N GLN A 330 -14.83 -3.35 22.89
CA GLN A 330 -15.03 -1.99 22.43
C GLN A 330 -14.69 -1.90 20.94
N MET B 1 -27.53 -27.46 26.27
CA MET B 1 -26.41 -26.54 26.09
C MET B 1 -25.62 -26.87 24.83
N ASN B 2 -25.34 -28.15 24.61
CA ASN B 2 -24.61 -28.57 23.41
C ASN B 2 -25.57 -28.80 22.22
N ALA B 3 -26.70 -28.12 22.27
CA ALA B 3 -27.67 -28.16 21.18
C ALA B 3 -27.13 -27.53 19.89
N HIS B 4 -26.01 -26.81 20.00
CA HIS B 4 -25.38 -26.19 18.83
C HIS B 4 -24.86 -27.24 17.86
N GLU B 5 -24.46 -28.39 18.38
CA GLU B 5 -23.90 -29.46 17.56
C GLU B 5 -24.84 -29.93 16.44
N SER B 6 -26.11 -29.56 16.52
CA SER B 6 -27.08 -29.93 15.49
C SER B 6 -27.27 -28.84 14.43
N LYS B 7 -26.98 -27.60 14.79
CA LYS B 7 -27.32 -26.45 13.94
C LYS B 7 -26.48 -26.33 12.67
N GLU B 8 -27.07 -25.70 11.67
CA GLU B 8 -26.50 -25.59 10.32
C GLU B 8 -25.28 -24.69 10.31
N TRP B 9 -25.20 -23.79 11.26
CA TRP B 9 -24.11 -22.83 11.30
C TRP B 9 -22.92 -23.30 12.13
N TYR B 10 -23.06 -24.42 12.83
CA TYR B 10 -21.96 -24.89 13.67
C TYR B 10 -21.08 -25.87 12.92
N HIS B 11 -19.76 -25.71 13.10
CA HIS B 11 -18.78 -26.62 12.51
C HIS B 11 -17.80 -27.11 13.58
N ALA B 12 -17.84 -28.40 13.88
CA ALA B 12 -16.99 -29.00 14.92
C ALA B 12 -15.52 -29.07 14.49
N SER B 13 -15.31 -29.12 13.18
CA SER B 13 -13.99 -29.24 12.59
C SER B 13 -13.90 -28.40 11.32
N LEU B 14 -13.25 -27.25 11.44
CA LEU B 14 -13.18 -26.26 10.38
C LEU B 14 -12.11 -25.24 10.73
N THR B 15 -11.18 -25.00 9.83
CA THR B 15 -10.10 -24.03 10.11
C THR B 15 -10.53 -22.61 9.79
N ARG B 16 -9.72 -21.66 10.22
CA ARG B 16 -9.94 -20.25 9.91
C ARG B 16 -9.89 -20.01 8.41
N ALA B 17 -8.96 -20.69 7.74
CA ALA B 17 -8.78 -20.50 6.30
C ALA B 17 -9.94 -21.09 5.51
N GLN B 18 -10.45 -22.21 6.00
CA GLN B 18 -11.64 -22.80 5.40
C GLN B 18 -12.86 -21.89 5.55
N ALA B 19 -13.01 -21.27 6.73
CA ALA B 19 -14.15 -20.41 6.97
C ALA B 19 -14.04 -19.19 6.09
N GLU B 20 -12.81 -18.75 5.86
CA GLU B 20 -12.58 -17.65 4.94
C GLU B 20 -12.94 -18.04 3.53
N HIS B 21 -12.56 -19.25 3.14
CA HIS B 21 -12.88 -19.76 1.82
C HIS B 21 -14.39 -19.81 1.59
N MET B 22 -15.15 -20.21 2.62
CA MET B 22 -16.58 -20.26 2.52
C MET B 22 -17.23 -18.87 2.50
N LEU B 23 -16.79 -17.99 3.40
CA LEU B 23 -17.39 -16.67 3.52
C LEU B 23 -17.06 -15.79 2.33
N MET B 24 -15.92 -16.05 1.70
CA MET B 24 -15.53 -15.29 0.53
C MET B 24 -16.48 -15.58 -0.61
N ARG B 25 -17.16 -16.73 -0.53
CA ARG B 25 -18.09 -17.12 -1.58
C ARG B 25 -19.50 -16.57 -1.35
N VAL B 26 -19.73 -15.94 -0.21
CA VAL B 26 -21.02 -15.31 0.08
C VAL B 26 -20.88 -13.84 0.41
N PRO B 27 -20.75 -12.98 -0.59
CA PRO B 27 -20.57 -11.55 -0.32
C PRO B 27 -21.86 -10.87 0.17
N ARG B 28 -22.34 -11.28 1.34
CA ARG B 28 -23.45 -10.64 2.02
C ARG B 28 -23.07 -10.40 3.48
N ASP B 29 -23.30 -9.19 3.98
CA ASP B 29 -23.13 -8.95 5.40
C ASP B 29 -24.17 -9.74 6.21
N GLY B 30 -23.76 -10.27 7.36
CA GLY B 30 -24.62 -11.13 8.15
C GLY B 30 -24.44 -12.62 7.88
N ALA B 31 -23.71 -12.96 6.83
CA ALA B 31 -23.27 -14.34 6.63
C ALA B 31 -22.31 -14.72 7.79
N PHE B 32 -22.47 -15.91 8.35
CA PHE B 32 -21.70 -16.28 9.52
C PHE B 32 -21.64 -17.77 9.74
N LEU B 33 -20.71 -18.20 10.56
CA LEU B 33 -20.65 -19.56 11.02
C LEU B 33 -19.92 -19.57 12.34
N VAL B 34 -20.06 -20.66 13.09
CA VAL B 34 -19.35 -20.83 14.33
C VAL B 34 -18.46 -22.04 14.16
N ARG B 35 -17.22 -21.94 14.61
CA ARG B 35 -16.31 -23.07 14.51
C ARG B 35 -15.66 -23.35 15.84
N LYS B 36 -15.45 -24.63 16.14
CA LYS B 36 -14.63 -24.98 17.28
C LYS B 36 -13.16 -24.60 16.99
N ARG B 37 -12.46 -24.08 18.00
CA ARG B 37 -11.02 -23.85 17.87
C ARG B 37 -10.22 -24.98 18.53
N ASN B 38 -8.90 -24.98 18.30
CA ASN B 38 -8.09 -26.07 18.82
C ASN B 38 -7.92 -26.00 20.30
N GLU B 39 -7.68 -24.80 20.82
CA GLU B 39 -7.71 -24.53 22.24
C GLU B 39 -9.00 -25.08 22.86
N PRO B 40 -8.91 -25.72 24.04
CA PRO B 40 -10.11 -26.24 24.70
C PRO B 40 -11.11 -25.14 25.05
N ASN B 41 -12.40 -25.44 24.98
CA ASN B 41 -13.45 -24.49 25.31
C ASN B 41 -13.47 -23.19 24.50
N SER B 42 -12.97 -23.22 23.28
CA SER B 42 -12.94 -22.01 22.48
C SER B 42 -13.69 -22.24 21.20
N TYR B 43 -14.29 -21.18 20.71
CA TYR B 43 -14.98 -21.22 19.46
C TYR B 43 -14.64 -19.92 18.80
N ALA B 44 -15.00 -19.78 17.54
CA ALA B 44 -14.92 -18.49 16.91
C ALA B 44 -16.15 -18.34 16.07
N ILE B 45 -16.76 -17.16 16.10
CA ILE B 45 -17.76 -16.87 15.11
C ILE B 45 -17.08 -16.10 13.98
N SER B 46 -17.22 -16.62 12.76
CA SER B 46 -16.68 -15.96 11.57
C SER B 46 -17.84 -15.35 10.80
N PHE B 47 -17.82 -14.05 10.55
CA PHE B 47 -18.94 -13.45 9.86
C PHE B 47 -18.51 -12.31 8.94
N ARG B 48 -19.45 -11.87 8.10
CA ARG B 48 -19.21 -10.74 7.23
C ARG B 48 -19.93 -9.51 7.74
N ALA B 49 -19.23 -8.37 7.72
CA ALA B 49 -19.80 -7.11 8.15
C ALA B 49 -19.10 -5.98 7.44
N GLU B 50 -19.90 -5.05 6.94
CA GLU B 50 -19.44 -3.95 6.10
C GLU B 50 -18.42 -4.41 5.06
N GLY B 51 -18.76 -5.49 4.37
CA GLY B 51 -18.02 -5.97 3.21
C GLY B 51 -16.84 -6.87 3.49
N LYS B 52 -16.42 -6.96 4.75
CA LYS B 52 -15.19 -7.67 5.10
C LYS B 52 -15.46 -8.88 5.98
N ILE B 53 -14.54 -9.83 6.00
CA ILE B 53 -14.64 -10.99 6.87
C ILE B 53 -14.00 -10.75 8.25
N LYS B 54 -14.75 -11.04 9.32
CA LYS B 54 -14.28 -10.90 10.68
C LYS B 54 -14.33 -12.23 11.47
N HIS B 55 -13.45 -12.34 12.47
CA HIS B 55 -13.43 -13.46 13.40
C HIS B 55 -13.46 -12.94 14.82
N CYS B 56 -14.26 -13.57 15.68
CA CYS B 56 -14.36 -13.22 17.10
C CYS B 56 -14.17 -14.45 17.96
N ARG B 57 -13.37 -14.32 19.02
CA ARG B 57 -13.25 -15.41 20.00
C ARG B 57 -14.53 -15.56 20.82
N VAL B 58 -14.89 -16.80 21.12
CA VAL B 58 -16.01 -17.10 22.00
C VAL B 58 -15.58 -18.16 23.03
N GLN B 59 -15.54 -17.79 24.29
CA GLN B 59 -15.01 -18.67 25.30
C GLN B 59 -16.15 -19.28 26.09
N GLN B 60 -16.04 -20.56 26.41
CA GLN B 60 -16.97 -21.21 27.31
C GLN B 60 -16.28 -21.42 28.63
N GLU B 61 -17.05 -21.31 29.71
CA GLU B 61 -16.56 -21.58 31.04
C GLU B 61 -17.75 -21.99 31.90
N GLY B 62 -17.72 -23.23 32.36
CA GLY B 62 -18.80 -23.78 33.14
C GLY B 62 -20.08 -23.74 32.34
N GLN B 63 -21.04 -22.98 32.83
CA GLN B 63 -22.37 -22.95 32.26
C GLN B 63 -22.60 -21.73 31.39
N THR B 64 -21.52 -21.11 30.93
CA THR B 64 -21.63 -19.80 30.29
C THR B 64 -20.76 -19.70 29.05
N VAL B 65 -21.27 -19.11 27.98
CA VAL B 65 -20.42 -18.73 26.86
C VAL B 65 -20.28 -17.19 26.87
N MET B 66 -19.12 -16.68 26.47
CA MET B 66 -18.82 -15.25 26.52
C MET B 66 -18.38 -14.71 25.18
N LEU B 67 -18.85 -13.52 24.83
CA LEU B 67 -18.44 -12.82 23.63
C LEU B 67 -18.37 -11.34 23.95
N GLY B 68 -17.16 -10.78 23.96
CA GLY B 68 -16.95 -9.45 24.50
C GLY B 68 -17.42 -9.35 25.94
N ASN B 69 -18.46 -8.54 26.16
CA ASN B 69 -19.01 -8.33 27.51
C ASN B 69 -20.31 -9.09 27.71
N SER B 70 -20.71 -9.84 26.70
CA SER B 70 -21.97 -10.55 26.74
C SER B 70 -21.79 -11.99 27.15
N GLU B 71 -22.74 -12.48 27.93
CA GLU B 71 -22.68 -13.81 28.51
C GLU B 71 -23.99 -14.50 28.22
N PHE B 72 -23.95 -15.80 27.94
CA PHE B 72 -25.13 -16.55 27.56
C PHE B 72 -25.07 -17.93 28.17
N ASP B 73 -26.20 -18.63 28.22
CA ASP B 73 -26.22 -20.02 28.70
C ASP B 73 -25.56 -20.99 27.70
N SER B 74 -25.68 -20.69 26.41
CA SER B 74 -25.28 -21.63 25.38
C SER B 74 -24.91 -20.90 24.09
N LEU B 75 -24.27 -21.62 23.18
CA LEU B 75 -23.97 -21.04 21.87
C LEU B 75 -25.25 -20.75 21.10
N VAL B 76 -26.23 -21.64 21.19
CA VAL B 76 -27.50 -21.45 20.49
C VAL B 76 -28.17 -20.17 20.98
N ASP B 77 -28.11 -19.91 22.27
CA ASP B 77 -28.61 -18.65 22.85
C ASP B 77 -27.85 -17.43 22.38
N LEU B 78 -26.54 -17.56 22.25
CA LEU B 78 -25.71 -16.46 21.77
C LEU B 78 -26.09 -16.10 20.33
N ILE B 79 -26.31 -17.11 19.49
CA ILE B 79 -26.58 -16.90 18.07
C ILE B 79 -27.96 -16.31 17.90
N SER B 80 -28.93 -16.92 18.57
CA SER B 80 -30.31 -16.46 18.59
C SER B 80 -30.44 -14.99 19.03
N TYR B 81 -29.63 -14.61 20.01
CA TYR B 81 -29.57 -13.23 20.47
C TYR B 81 -29.02 -12.29 19.39
N TYR B 82 -27.95 -12.70 18.70
CA TYR B 82 -27.34 -11.76 17.76
C TYR B 82 -28.01 -11.79 16.40
N GLU B 83 -29.13 -12.51 16.33
CA GLU B 83 -30.04 -12.39 15.18
C GLU B 83 -31.02 -11.25 15.36
N LYS B 84 -31.34 -10.94 16.62
CA LYS B 84 -32.36 -9.94 16.92
C LYS B 84 -31.67 -8.70 17.48
N HIS B 85 -30.36 -8.78 17.63
CA HIS B 85 -29.63 -7.68 18.23
C HIS B 85 -28.32 -7.55 17.48
N PRO B 86 -27.91 -6.29 17.20
CA PRO B 86 -26.69 -6.05 16.40
C PRO B 86 -25.44 -6.64 17.04
N LEU B 87 -24.61 -7.30 16.24
CA LEU B 87 -23.37 -7.88 16.76
C LEU B 87 -22.19 -6.94 16.55
N TYR B 88 -22.19 -6.23 15.43
CA TYR B 88 -21.10 -5.31 15.09
C TYR B 88 -21.57 -4.27 14.09
N ARG B 89 -21.64 -3.01 14.52
CA ARG B 89 -22.10 -1.90 13.68
C ARG B 89 -23.48 -2.15 13.04
N LYS B 90 -24.51 -2.28 13.88
CA LYS B 90 -25.90 -2.42 13.38
C LYS B 90 -26.13 -3.66 12.51
N MET B 91 -25.10 -4.51 12.38
CA MET B 91 -25.17 -5.77 11.66
C MET B 91 -25.69 -6.90 12.56
N LYS B 92 -26.82 -7.50 12.17
CA LYS B 92 -27.33 -8.69 12.83
C LYS B 92 -26.98 -9.93 12.02
N LEU B 93 -26.83 -11.08 12.69
CA LEU B 93 -26.59 -12.35 11.99
C LEU B 93 -27.78 -12.72 11.10
N ARG B 94 -27.51 -13.09 9.84
CA ARG B 94 -28.58 -13.29 8.86
C ARG B 94 -28.52 -14.62 8.10
N TYR B 95 -27.36 -14.94 7.53
CA TYR B 95 -27.24 -16.10 6.66
C TYR B 95 -26.31 -17.13 7.24
N PRO B 96 -26.87 -18.18 7.89
CA PRO B 96 -26.04 -19.28 8.39
C PRO B 96 -25.36 -20.00 7.22
N ILE B 97 -24.06 -20.22 7.34
CA ILE B 97 -23.29 -20.74 6.21
C ILE B 97 -22.70 -22.11 6.54
N ASN B 98 -22.92 -23.06 5.61
CA ASN B 98 -22.23 -24.34 5.53
C ASN B 98 -22.14 -24.73 4.05
N GLU B 99 -21.55 -25.87 3.70
CA GLU B 99 -21.32 -26.19 2.28
C GLU B 99 -22.61 -26.38 1.50
N GLU B 100 -23.70 -26.71 2.18
CA GLU B 100 -24.97 -26.87 1.49
C GLU B 100 -25.65 -25.53 1.26
N ALA B 101 -25.52 -24.60 2.21
CA ALA B 101 -25.99 -23.24 1.98
C ALA B 101 -25.23 -22.61 0.81
N LEU B 102 -23.92 -22.81 0.78
CA LEU B 102 -23.09 -22.30 -0.31
C LEU B 102 -23.52 -22.83 -1.68
N GLU B 103 -24.17 -23.98 -1.73
CA GLU B 103 -24.64 -24.49 -3.01
C GLU B 103 -25.77 -23.62 -3.58
N LYS B 104 -26.36 -22.81 -2.71
CA LYS B 104 -27.61 -22.12 -3.04
C LYS B 104 -27.48 -20.60 -3.11
N ILE B 105 -26.62 -20.01 -2.28
CA ILE B 105 -26.45 -18.57 -2.28
C ILE B 105 -24.99 -18.20 -2.48
N GLY B 106 -24.16 -19.19 -2.74
CA GLY B 106 -22.72 -18.96 -2.86
C GLY B 106 -22.25 -18.82 -4.28
N THR B 107 -21.19 -18.05 -4.49
CA THR B 107 -20.63 -17.99 -5.82
C THR B 107 -19.97 -19.34 -6.14
N ALA B 108 -20.13 -19.80 -7.36
CA ALA B 108 -19.61 -21.09 -7.75
C ALA B 108 -18.09 -21.11 -7.69
N GLU B 109 -17.54 -22.19 -7.16
CA GLU B 109 -16.10 -22.36 -7.13
C GLU B 109 -15.68 -22.85 -8.52
N PRO B 110 -14.67 -22.20 -9.12
CA PRO B 110 -14.23 -22.57 -10.47
C PRO B 110 -13.63 -24.00 -10.51
N ASP B 111 -14.17 -24.83 -11.39
CA ASP B 111 -13.69 -26.20 -11.51
C ASP B 111 -12.33 -26.29 -12.21
N TYR B 112 -12.00 -25.26 -12.99
CA TYR B 112 -10.81 -25.28 -13.86
C TYR B 112 -9.84 -24.12 -13.53
N GLY B 113 -8.56 -24.28 -13.85
CA GLY B 113 -7.59 -23.25 -13.52
C GLY B 113 -6.15 -23.63 -13.80
#